data_8HE1
#
_entry.id   8HE1
#
_cell.length_a   39.786
_cell.length_b   65.420
_cell.length_c   106.031
_cell.angle_alpha   90.000
_cell.angle_beta   90.000
_cell.angle_gamma   90.000
#
_symmetry.space_group_name_H-M   'P 21 21 21'
#
loop_
_entity.id
_entity.type
_entity.pdbx_description
1 polymer 'Chitin deacetylase'
2 non-polymer 'ZINC ION'
3 non-polymer 'BENZHYDROXAMIC ACID'
4 water water
#
_entity_poly.entity_id   1
_entity_poly.type   'polypeptide(L)'
_entity_poly.pdbx_seq_one_letter_code
;MGFTRLLTLVVTVASLLRFDQVTGAHTNDIRSLRARQDTAVPVYDTCTVPGSFALTFDDGPYGFSTRLDSTLNAANAKGS
FFINGQNWGCIYDYADVLLERFNNGHFIASHTWSHVHMNQGTYEQLSHQLELVEQAMIRILGVKPLYMRPPYGEYNDVVL
QVLRDRGYKGLIMWNQDSGDTFTPTPSSAQIIDSYRSFPEKTISLNHEIKDFTVDQVIPAVIPILQQKGFSLQTVPECLG
LSSDPADWYVRVQEPGTRDDSWTCEATPLPGNFEHHHHHH
;
_entity_poly.pdbx_strand_id   A
#
loop_
_chem_comp.id
_chem_comp.type
_chem_comp.name
_chem_comp.formula
BHO non-polymer 'BENZHYDROXAMIC ACID' 'C7 H7 N O2'
ZN non-polymer 'ZINC ION' 'Zn 2'
#
# COMPACT_ATOMS: atom_id res chain seq x y z
N VAL A 41 -12.10 8.91 -11.92
CA VAL A 41 -11.60 8.62 -10.58
C VAL A 41 -10.48 9.61 -10.20
N PRO A 42 -10.53 10.16 -8.98
CA PRO A 42 -9.50 11.13 -8.59
C PRO A 42 -8.13 10.49 -8.44
N VAL A 43 -7.10 11.27 -8.80
CA VAL A 43 -5.71 10.88 -8.65
C VAL A 43 -5.10 11.74 -7.56
N TYR A 44 -4.47 11.11 -6.57
CA TYR A 44 -3.90 11.79 -5.41
C TYR A 44 -2.40 11.53 -5.33
N ASP A 45 -1.63 12.58 -5.05
CA ASP A 45 -0.20 12.37 -4.81
C ASP A 45 0.33 13.13 -3.60
N THR A 46 -0.49 13.93 -2.92
CA THR A 46 -0.04 14.77 -1.82
C THR A 46 -1.11 14.80 -0.74
N CYS A 47 -0.71 14.66 0.52
CA CYS A 47 -1.66 14.81 1.62
C CYS A 47 -2.17 16.25 1.69
N THR A 48 -3.32 16.41 2.35
CA THR A 48 -3.86 17.75 2.60
C THR A 48 -3.90 18.14 4.06
N VAL A 49 -3.86 17.18 4.98
CA VAL A 49 -3.96 17.46 6.42
C VAL A 49 -2.66 18.08 6.90
N PRO A 50 -2.68 19.26 7.50
CA PRO A 50 -1.43 19.84 8.00
C PRO A 50 -0.77 18.91 9.01
N GLY A 51 0.55 18.79 8.88
CA GLY A 51 1.34 17.97 9.76
C GLY A 51 1.33 16.48 9.45
N SER A 52 0.54 16.03 8.47
CA SER A 52 0.44 14.61 8.16
C SER A 52 1.60 14.17 7.28
N PHE A 53 1.87 12.86 7.29
CA PHE A 53 2.94 12.28 6.51
C PHE A 53 2.57 10.82 6.29
N ALA A 54 2.62 10.36 5.04
CA ALA A 54 2.18 9.00 4.71
C ALA A 54 3.38 8.14 4.31
N LEU A 55 3.74 7.17 5.15
CA LEU A 55 4.68 6.13 4.79
C LEU A 55 3.92 5.07 4.02
N THR A 56 4.28 4.83 2.75
CA THR A 56 3.55 3.86 1.94
C THR A 56 4.52 2.79 1.44
N PHE A 57 3.98 1.59 1.23
CA PHE A 57 4.80 0.40 0.95
C PHE A 57 4.16 -0.40 -0.16
N ASP A 58 4.93 -0.66 -1.22
CA ASP A 58 4.44 -1.39 -2.37
C ASP A 58 5.03 -2.80 -2.42
N ASP A 59 4.30 -3.66 -3.15
CA ASP A 59 4.71 -4.95 -3.68
C ASP A 59 4.60 -6.07 -2.65
N GLY A 60 4.15 -5.79 -1.44
CA GLY A 60 4.08 -6.79 -0.39
C GLY A 60 2.78 -7.55 -0.40
N PRO A 61 2.51 -8.31 0.68
CA PRO A 61 3.42 -8.49 1.81
C PRO A 61 4.67 -9.33 1.45
N TYR A 62 5.58 -9.49 2.40
CA TYR A 62 6.84 -10.17 2.14
C TYR A 62 7.35 -10.74 3.46
N GLY A 63 8.54 -11.33 3.42
CA GLY A 63 9.03 -12.09 4.57
C GLY A 63 9.41 -11.25 5.78
N PHE A 64 9.45 -9.93 5.67
CA PHE A 64 9.79 -9.08 6.80
C PHE A 64 8.61 -8.23 7.24
N SER A 65 7.44 -8.54 6.74
CA SER A 65 6.25 -7.75 7.02
C SER A 65 5.78 -7.72 8.45
N THR A 66 5.94 -8.84 9.14
CA THR A 66 5.55 -8.86 10.52
C THR A 66 6.44 -7.91 11.31
N ARG A 67 7.71 -7.86 10.98
CA ARG A 67 8.64 -6.94 11.64
C ARG A 67 8.28 -5.49 11.35
N LEU A 68 8.00 -5.23 10.07
CA LEU A 68 7.61 -3.89 9.65
C LEU A 68 6.36 -3.42 10.43
N ASP A 69 5.34 -4.28 10.49
CA ASP A 69 4.11 -3.88 11.16
C ASP A 69 4.33 -3.72 12.67
N SER A 70 5.16 -4.58 13.27
CA SER A 70 5.44 -4.42 14.69
C SER A 70 6.14 -3.10 14.98
N THR A 71 7.08 -2.70 14.10
CA THR A 71 7.75 -1.42 14.24
C THR A 71 6.77 -0.26 14.13
N LEU A 72 5.89 -0.30 13.13
CA LEU A 72 4.87 0.73 13.00
C LEU A 72 3.95 0.75 14.21
N ASN A 73 3.48 -0.42 14.63
CA ASN A 73 2.50 -0.49 15.71
C ASN A 73 3.08 0.00 17.03
N ALA A 74 4.36 -0.29 17.28
CA ALA A 74 4.98 0.14 18.53
C ALA A 74 5.01 1.66 18.65
N ALA A 75 5.03 2.37 17.52
CA ALA A 75 5.03 3.83 17.51
C ALA A 75 3.67 4.42 17.22
N ASN A 76 2.61 3.59 17.17
CA ASN A 76 1.27 4.03 16.79
C ASN A 76 1.27 4.70 15.42
N ALA A 77 2.18 4.28 14.55
CA ALA A 77 2.28 4.80 13.20
C ALA A 77 1.45 3.92 12.27
N LYS A 78 0.81 4.55 11.29
CA LYS A 78 -0.04 3.83 10.35
C LYS A 78 0.60 3.83 8.97
N GLY A 79 0.61 2.66 8.34
CA GLY A 79 1.17 2.53 7.02
C GLY A 79 0.10 2.35 5.97
N SER A 80 0.44 2.63 4.71
CA SER A 80 -0.42 2.34 3.57
C SER A 80 0.28 1.31 2.71
N PHE A 81 -0.44 0.23 2.40
CA PHE A 81 0.15 -0.95 1.78
C PHE A 81 -0.57 -1.27 0.47
N PHE A 82 0.18 -1.21 -0.62
CA PHE A 82 -0.36 -1.50 -1.95
C PHE A 82 0.18 -2.85 -2.37
N ILE A 83 -0.67 -3.89 -2.21
CA ILE A 83 -0.26 -5.29 -2.23
C ILE A 83 -0.47 -5.90 -3.61
N ASN A 84 0.31 -6.93 -3.90
CA ASN A 84 0.13 -7.75 -5.09
C ASN A 84 -0.48 -9.09 -4.71
N GLY A 85 -0.99 -9.77 -5.74
CA GLY A 85 -1.55 -11.11 -5.56
C GLY A 85 -0.51 -12.20 -5.75
N GLN A 86 0.19 -12.17 -6.89
CA GLN A 86 1.25 -13.13 -7.20
C GLN A 86 2.41 -12.31 -7.77
N ASN A 87 3.32 -11.96 -6.89
CA ASN A 87 4.50 -11.15 -7.16
C ASN A 87 5.20 -11.08 -5.82
N TRP A 88 6.43 -11.59 -5.75
CA TRP A 88 7.13 -11.72 -4.47
C TRP A 88 6.26 -12.47 -3.47
N GLY A 89 5.73 -13.60 -3.90
CA GLY A 89 4.94 -14.47 -3.05
C GLY A 89 3.45 -14.36 -3.36
N CYS A 90 2.72 -15.37 -2.90
CA CYS A 90 1.29 -15.48 -3.11
C CYS A 90 0.53 -14.84 -1.94
N ILE A 91 -0.43 -13.97 -2.24
CA ILE A 91 -1.14 -13.23 -1.21
C ILE A 91 -1.76 -14.17 -0.16
N TYR A 92 -2.23 -15.35 -0.58
CA TYR A 92 -2.85 -16.25 0.38
C TYR A 92 -1.85 -16.81 1.38
N ASP A 93 -0.56 -16.88 1.02
CA ASP A 93 0.46 -17.29 1.98
C ASP A 93 0.75 -16.21 3.00
N TYR A 94 0.24 -14.99 2.78
CA TYR A 94 0.42 -13.86 3.68
C TYR A 94 -0.86 -13.52 4.42
N ALA A 95 -1.82 -14.45 4.49
CA ALA A 95 -3.13 -14.10 5.04
C ALA A 95 -3.04 -13.63 6.49
N ASP A 96 -2.16 -14.24 7.30
CA ASP A 96 -2.10 -13.83 8.70
C ASP A 96 -1.55 -12.41 8.84
N VAL A 97 -0.51 -12.06 8.08
CA VAL A 97 -0.02 -10.68 8.08
C VAL A 97 -1.12 -9.73 7.62
N LEU A 98 -1.86 -10.12 6.58
CA LEU A 98 -2.90 -9.25 6.06
C LEU A 98 -3.99 -9.01 7.10
N LEU A 99 -4.36 -10.05 7.86
CA LEU A 99 -5.39 -9.88 8.88
C LEU A 99 -4.92 -8.96 10.01
N GLU A 100 -3.66 -9.11 10.45
CA GLU A 100 -3.13 -8.21 11.46
C GLU A 100 -3.15 -6.77 10.96
N ARG A 101 -2.68 -6.58 9.73
CA ARG A 101 -2.62 -5.26 9.10
C ARG A 101 -4.01 -4.64 9.06
N PHE A 102 -4.97 -5.41 8.59
CA PHE A 102 -6.35 -4.96 8.43
C PHE A 102 -6.94 -4.56 9.78
N ASN A 103 -6.72 -5.38 10.80
CA ASN A 103 -7.34 -5.17 12.11
C ASN A 103 -6.61 -4.14 12.94
N ASN A 104 -5.43 -3.68 12.53
CA ASN A 104 -4.69 -2.67 13.26
C ASN A 104 -4.79 -1.28 12.62
N GLY A 105 -5.74 -1.08 11.71
CA GLY A 105 -5.96 0.26 11.20
C GLY A 105 -5.02 0.71 10.10
N HIS A 106 -4.22 -0.20 9.56
CA HIS A 106 -3.41 0.13 8.40
C HIS A 106 -4.26 0.07 7.15
N PHE A 107 -3.86 0.85 6.15
CA PHE A 107 -4.62 0.97 4.91
C PHE A 107 -4.10 -0.04 3.88
N ILE A 108 -4.97 -0.92 3.42
CA ILE A 108 -4.64 -1.94 2.43
C ILE A 108 -5.35 -1.61 1.13
N ALA A 109 -4.58 -1.52 0.05
CA ALA A 109 -5.12 -1.20 -1.27
C ALA A 109 -4.43 -2.04 -2.32
N SER A 110 -4.97 -2.00 -3.54
CA SER A 110 -4.50 -2.90 -4.60
C SER A 110 -3.32 -2.32 -5.36
N HIS A 111 -2.40 -3.19 -5.77
CA HIS A 111 -1.30 -2.87 -6.67
C HIS A 111 -1.35 -3.77 -7.91
N THR A 112 -2.52 -4.36 -8.18
CA THR A 112 -2.82 -5.37 -9.21
C THR A 112 -2.33 -6.77 -8.83
N TRP A 113 -2.90 -7.78 -9.50
CA TRP A 113 -2.55 -9.15 -9.16
C TRP A 113 -1.09 -9.47 -9.47
N SER A 114 -0.65 -9.20 -10.70
CA SER A 114 0.63 -9.65 -11.21
C SER A 114 1.64 -8.53 -11.42
N HIS A 115 1.34 -7.31 -10.94
CA HIS A 115 2.24 -6.17 -11.07
C HIS A 115 2.51 -5.83 -12.54
N VAL A 116 1.45 -5.65 -13.31
CA VAL A 116 1.56 -5.46 -14.75
C VAL A 116 1.81 -3.99 -15.07
N HIS A 117 2.40 -3.77 -16.24
CA HIS A 117 2.44 -2.46 -16.88
C HIS A 117 1.05 -2.17 -17.43
N MET A 118 0.25 -1.43 -16.66
CA MET A 118 -1.17 -1.32 -16.96
C MET A 118 -1.46 -0.57 -18.25
N ASN A 119 -0.55 0.29 -18.71
CA ASN A 119 -0.81 0.98 -19.97
C ASN A 119 -0.70 0.05 -21.17
N GLN A 120 -0.23 -1.18 -20.98
CA GLN A 120 -0.14 -2.15 -22.06
C GLN A 120 -1.29 -3.14 -22.08
N GLY A 121 -2.21 -3.06 -21.13
CA GLY A 121 -3.30 -4.02 -21.03
C GLY A 121 -4.59 -3.53 -21.66
N THR A 122 -5.39 -4.49 -22.12
CA THR A 122 -6.74 -4.19 -22.54
C THR A 122 -7.61 -3.91 -21.32
N TYR A 123 -8.77 -3.27 -21.57
CA TYR A 123 -9.75 -3.07 -20.52
C TYR A 123 -10.02 -4.36 -19.77
N GLU A 124 -10.22 -5.45 -20.50
CA GLU A 124 -10.62 -6.71 -19.87
C GLU A 124 -9.50 -7.30 -19.04
N GLN A 125 -8.25 -7.22 -19.54
CA GLN A 125 -7.10 -7.68 -18.76
C GLN A 125 -6.94 -6.89 -17.47
N LEU A 126 -7.06 -5.56 -17.56
CA LEU A 126 -6.92 -4.74 -16.36
C LEU A 126 -8.01 -5.06 -15.37
N SER A 127 -9.24 -5.27 -15.86
CA SER A 127 -10.33 -5.59 -14.96
C SER A 127 -10.06 -6.89 -14.22
N HIS A 128 -9.52 -7.88 -14.93
CA HIS A 128 -9.13 -9.16 -14.31
C HIS A 128 -7.99 -8.95 -13.31
N GLN A 129 -7.01 -8.12 -13.66
CA GLN A 129 -5.89 -7.85 -12.77
C GLN A 129 -6.35 -7.21 -11.46
N LEU A 130 -7.42 -6.42 -11.53
CA LEU A 130 -7.98 -5.85 -10.30
C LEU A 130 -8.90 -6.85 -9.59
N GLU A 131 -9.73 -7.55 -10.37
CA GLU A 131 -10.68 -8.49 -9.78
C GLU A 131 -9.98 -9.54 -8.92
N LEU A 132 -8.82 -10.02 -9.36
CA LEU A 132 -8.15 -11.10 -8.64
C LEU A 132 -7.72 -10.67 -7.25
N VAL A 133 -7.24 -9.42 -7.11
CA VAL A 133 -6.89 -8.93 -5.78
C VAL A 133 -8.13 -8.71 -4.94
N GLU A 134 -9.20 -8.16 -5.55
CA GLU A 134 -10.46 -8.02 -4.84
C GLU A 134 -10.92 -9.36 -4.27
N GLN A 135 -10.82 -10.42 -5.07
CA GLN A 135 -11.30 -11.72 -4.64
C GLN A 135 -10.47 -12.27 -3.48
N ALA A 136 -9.15 -12.08 -3.53
CA ALA A 136 -8.31 -12.51 -2.41
C ALA A 136 -8.68 -11.76 -1.13
N MET A 137 -8.87 -10.45 -1.23
CA MET A 137 -9.25 -9.69 -0.03
C MET A 137 -10.64 -10.09 0.45
N ILE A 138 -11.55 -10.44 -0.47
CA ILE A 138 -12.87 -10.92 -0.05
C ILE A 138 -12.74 -12.21 0.74
N ARG A 139 -11.93 -13.15 0.22
CA ARG A 139 -11.77 -14.43 0.90
C ARG A 139 -11.08 -14.26 2.26
N ILE A 140 -10.01 -13.48 2.31
CA ILE A 140 -9.21 -13.40 3.53
C ILE A 140 -9.83 -12.43 4.53
N LEU A 141 -10.27 -11.26 4.07
CA LEU A 141 -10.73 -10.19 4.95
C LEU A 141 -12.24 -9.96 4.91
N GLY A 142 -12.95 -10.53 3.95
CA GLY A 142 -14.35 -10.23 3.79
C GLY A 142 -14.67 -8.93 3.07
N VAL A 143 -13.67 -8.20 2.57
CA VAL A 143 -13.89 -6.90 1.96
C VAL A 143 -13.17 -6.78 0.63
N LYS A 144 -13.61 -5.77 -0.16
CA LYS A 144 -13.01 -5.32 -1.41
C LYS A 144 -12.27 -4.00 -1.18
N PRO A 145 -11.11 -3.78 -1.80
CA PRO A 145 -10.47 -2.47 -1.71
C PRO A 145 -11.22 -1.43 -2.52
N LEU A 146 -11.13 -0.18 -2.06
CA LEU A 146 -11.67 0.97 -2.77
C LEU A 146 -10.59 1.81 -3.44
N TYR A 147 -9.32 1.46 -3.27
CA TYR A 147 -8.22 2.26 -3.78
C TYR A 147 -7.15 1.37 -4.41
N MET A 148 -6.30 2.00 -5.23
CA MET A 148 -5.20 1.25 -5.82
C MET A 148 -4.10 2.22 -6.20
N ARG A 149 -2.90 1.68 -6.37
CA ARG A 149 -1.76 2.40 -6.92
C ARG A 149 -1.24 1.59 -8.11
N PRO A 150 -1.03 2.20 -9.26
CA PRO A 150 -0.60 1.43 -10.43
C PRO A 150 0.87 1.05 -10.34
N PRO A 151 1.23 -0.17 -10.72
CA PRO A 151 2.65 -0.51 -10.83
C PRO A 151 3.39 0.49 -11.70
N TYR A 152 4.61 0.81 -11.31
CA TYR A 152 5.50 1.73 -12.04
C TYR A 152 4.95 3.14 -12.12
N GLY A 153 3.86 3.43 -11.41
CA GLY A 153 3.23 4.73 -11.53
C GLY A 153 2.61 4.97 -12.88
N GLU A 154 2.30 3.91 -13.62
CA GLU A 154 1.90 4.00 -15.01
C GLU A 154 0.40 3.81 -15.14
N TYR A 155 -0.28 4.82 -15.66
CA TYR A 155 -1.72 4.70 -15.86
C TYR A 155 -2.14 5.56 -17.04
N ASN A 156 -3.36 5.34 -17.51
CA ASN A 156 -3.90 6.03 -18.67
C ASN A 156 -5.43 6.11 -18.51
N ASP A 157 -6.10 6.50 -19.59
CA ASP A 157 -7.56 6.66 -19.52
C ASP A 157 -8.27 5.31 -19.39
N VAL A 158 -7.72 4.24 -19.96
CA VAL A 158 -8.33 2.93 -19.79
C VAL A 158 -8.26 2.50 -18.33
N VAL A 159 -7.10 2.72 -17.69
CA VAL A 159 -6.96 2.40 -16.27
C VAL A 159 -8.00 3.16 -15.46
N LEU A 160 -8.12 4.47 -15.69
CA LEU A 160 -9.07 5.26 -14.92
C LEU A 160 -10.51 4.82 -15.18
N GLN A 161 -10.83 4.44 -16.42
CA GLN A 161 -12.18 3.96 -16.70
C GLN A 161 -12.48 2.63 -15.99
N VAL A 162 -11.53 1.69 -16.01
CA VAL A 162 -11.71 0.42 -15.31
C VAL A 162 -11.92 0.69 -13.81
N LEU A 163 -11.12 1.60 -13.24
CA LEU A 163 -11.28 1.91 -11.82
C LEU A 163 -12.66 2.47 -11.53
N ARG A 164 -13.13 3.40 -12.38
CA ARG A 164 -14.46 3.95 -12.21
C ARG A 164 -15.52 2.85 -12.28
N ASP A 165 -15.43 1.99 -13.31
CA ASP A 165 -16.44 0.96 -13.51
C ASP A 165 -16.45 -0.06 -12.38
N ARG A 166 -15.29 -0.32 -11.77
CA ARG A 166 -15.18 -1.28 -10.69
C ARG A 166 -15.42 -0.66 -9.32
N GLY A 167 -15.80 0.61 -9.26
CA GLY A 167 -16.20 1.23 -8.00
C GLY A 167 -15.08 1.82 -7.18
N TYR A 168 -13.88 1.96 -7.72
CA TYR A 168 -12.77 2.51 -6.94
C TYR A 168 -12.98 4.00 -6.70
N LYS A 169 -12.52 4.45 -5.55
CA LYS A 169 -12.65 5.86 -5.18
C LYS A 169 -11.38 6.67 -5.40
N GLY A 170 -10.27 6.03 -5.73
CA GLY A 170 -9.07 6.81 -5.94
C GLY A 170 -7.89 6.01 -6.44
N LEU A 171 -7.05 6.67 -7.23
CA LEU A 171 -5.76 6.15 -7.66
C LEU A 171 -4.71 6.93 -6.89
N ILE A 172 -3.85 6.21 -6.15
CA ILE A 172 -2.91 6.84 -5.22
C ILE A 172 -1.51 6.78 -5.79
N MET A 173 -0.95 7.94 -6.14
CA MET A 173 0.45 8.04 -6.53
C MET A 173 1.29 8.41 -5.30
N TRP A 174 2.30 9.26 -5.46
CA TRP A 174 3.19 9.65 -4.38
C TRP A 174 3.88 10.94 -4.79
N ASN A 175 4.55 11.59 -3.83
CA ASN A 175 5.31 12.77 -4.18
C ASN A 175 6.75 12.78 -3.69
N GLN A 176 7.21 11.73 -3.00
CA GLN A 176 8.61 11.56 -2.68
C GLN A 176 8.95 10.08 -2.80
N ASP A 177 10.13 9.79 -3.30
CA ASP A 177 10.59 8.42 -3.52
C ASP A 177 11.77 8.15 -2.60
N SER A 178 11.66 7.11 -1.77
CA SER A 178 12.77 6.74 -0.90
C SER A 178 14.00 6.36 -1.72
N GLY A 179 13.80 5.89 -2.94
CA GLY A 179 14.88 5.34 -3.74
C GLY A 179 15.24 3.92 -3.43
N ASP A 180 14.44 3.22 -2.61
CA ASP A 180 14.86 1.88 -2.20
C ASP A 180 14.81 0.85 -3.34
N THR A 181 14.25 1.17 -4.50
CA THR A 181 14.39 0.29 -5.66
C THR A 181 15.17 0.93 -6.80
N PHE A 182 15.83 2.07 -6.57
CA PHE A 182 16.76 2.57 -7.57
C PHE A 182 17.88 1.58 -7.77
N THR A 183 18.46 1.57 -8.97
CA THR A 183 19.64 0.75 -9.18
C THR A 183 20.69 1.56 -9.94
N PRO A 184 21.91 1.68 -9.41
CA PRO A 184 22.39 1.19 -8.11
C PRO A 184 21.58 1.76 -6.95
N THR A 185 21.54 1.02 -5.87
CA THR A 185 20.64 1.35 -4.78
C THR A 185 21.36 2.22 -3.76
N PRO A 186 20.75 3.32 -3.33
CA PRO A 186 21.35 4.13 -2.27
C PRO A 186 21.46 3.33 -0.98
N SER A 187 22.41 3.73 -0.15
CA SER A 187 22.55 3.10 1.15
C SER A 187 21.39 3.47 2.05
N SER A 188 21.16 2.65 3.07
CA SER A 188 20.16 3.01 4.08
C SER A 188 20.45 4.38 4.67
N ALA A 189 21.72 4.68 4.92
CA ALA A 189 22.07 5.99 5.46
C ALA A 189 21.64 7.12 4.52
N GLN A 190 21.82 6.92 3.21
CA GLN A 190 21.41 7.93 2.24
C GLN A 190 19.90 8.10 2.24
N ILE A 191 19.16 7.00 2.29
CA ILE A 191 17.70 7.05 2.29
C ILE A 191 17.19 7.75 3.54
N ILE A 192 17.75 7.37 4.69
CA ILE A 192 17.37 8.01 5.95
C ILE A 192 17.64 9.52 5.87
N ASP A 193 18.76 9.91 5.27
CA ASP A 193 19.06 11.34 5.19
C ASP A 193 18.08 12.07 4.27
N SER A 194 17.68 11.44 3.16
CA SER A 194 16.64 12.02 2.33
C SER A 194 15.36 12.25 3.13
N TYR A 195 14.99 11.30 4.00
CA TYR A 195 13.77 11.46 4.79
C TYR A 195 13.84 12.66 5.72
N ARG A 196 15.06 13.09 6.11
CA ARG A 196 15.18 14.24 7.02
C ARG A 196 14.72 15.53 6.36
N SER A 197 14.60 15.58 5.04
CA SER A 197 14.15 16.78 4.37
C SER A 197 12.84 16.61 3.59
N PHE A 198 12.20 15.46 3.66
CA PHE A 198 10.86 15.33 3.11
C PHE A 198 9.91 16.18 3.95
N PRO A 199 9.13 17.07 3.35
CA PRO A 199 8.31 17.99 4.13
C PRO A 199 6.98 17.37 4.56
N GLU A 200 6.24 18.13 5.37
CA GLU A 200 4.89 17.75 5.72
C GLU A 200 4.09 17.46 4.44
N LYS A 201 3.11 16.56 4.58
CA LYS A 201 2.13 16.17 3.57
C LYS A 201 2.75 15.26 2.51
N THR A 202 3.97 14.80 2.73
CA THR A 202 4.59 13.83 1.83
C THR A 202 3.80 12.53 1.81
N ILE A 203 3.66 11.97 0.61
CA ILE A 203 3.28 10.58 0.43
C ILE A 203 4.54 9.90 -0.10
N SER A 204 5.19 9.09 0.74
CA SER A 204 6.52 8.55 0.41
C SER A 204 6.38 7.13 -0.14
N LEU A 205 7.10 6.88 -1.24
CA LEU A 205 7.13 5.55 -1.84
C LEU A 205 8.26 4.72 -1.24
N ASN A 206 7.90 3.55 -0.71
CA ASN A 206 8.83 2.54 -0.25
C ASN A 206 8.34 1.18 -0.76
N HIS A 207 9.20 0.18 -0.66
CA HIS A 207 8.86 -1.18 -1.08
C HIS A 207 9.19 -2.14 0.06
N GLU A 208 8.19 -2.88 0.54
CA GLU A 208 8.48 -3.72 1.69
C GLU A 208 9.15 -5.03 1.29
N ILE A 209 9.45 -5.19 -0.01
CA ILE A 209 10.27 -6.32 -0.45
C ILE A 209 11.76 -6.05 -0.31
N LYS A 210 12.14 -4.89 0.22
CA LYS A 210 13.55 -4.57 0.47
C LYS A 210 13.85 -4.73 1.96
N ASP A 211 14.75 -5.66 2.29
CA ASP A 211 15.02 -5.93 3.70
C ASP A 211 15.51 -4.70 4.44
N PHE A 212 16.36 -3.88 3.80
CA PHE A 212 16.92 -2.72 4.50
C PHE A 212 15.87 -1.66 4.74
N THR A 213 14.83 -1.60 3.91
CA THR A 213 13.75 -0.66 4.20
C THR A 213 13.08 -1.01 5.52
N VAL A 214 12.85 -2.31 5.74
CA VAL A 214 12.16 -2.76 6.95
C VAL A 214 13.09 -2.69 8.16
N ASP A 215 14.34 -3.13 7.99
CA ASP A 215 15.25 -3.34 9.12
C ASP A 215 16.06 -2.11 9.49
N GLN A 216 16.30 -1.20 8.55
CA GLN A 216 17.15 -0.06 8.80
C GLN A 216 16.42 1.26 8.60
N VAL A 217 15.76 1.46 7.45
CA VAL A 217 15.22 2.77 7.14
C VAL A 217 14.04 3.11 8.05
N ILE A 218 13.00 2.28 8.04
CA ILE A 218 11.79 2.62 8.79
C ILE A 218 12.04 2.74 10.29
N PRO A 219 12.83 1.88 10.93
CA PRO A 219 13.10 2.11 12.36
C PRO A 219 13.82 3.43 12.63
N ALA A 220 14.61 3.91 11.67
CA ALA A 220 15.28 5.19 11.86
C ALA A 220 14.36 6.37 11.57
N VAL A 221 13.50 6.24 10.57
CA VAL A 221 12.78 7.43 10.14
C VAL A 221 11.49 7.67 10.93
N ILE A 222 10.89 6.64 11.54
CA ILE A 222 9.72 6.88 12.38
C ILE A 222 10.03 7.90 13.46
N PRO A 223 11.10 7.75 14.27
CA PRO A 223 11.36 8.80 15.28
C PRO A 223 11.71 10.14 14.68
N ILE A 224 12.46 10.17 13.57
CA ILE A 224 12.77 11.44 12.92
C ILE A 224 11.48 12.19 12.60
N LEU A 225 10.53 11.49 11.99
CA LEU A 225 9.32 12.14 11.51
C LEU A 225 8.39 12.50 12.65
N GLN A 226 8.19 11.58 13.61
CA GLN A 226 7.31 11.90 14.74
C GLN A 226 7.90 13.01 15.61
N GLN A 227 9.22 12.99 15.83
CA GLN A 227 9.80 13.95 16.75
C GLN A 227 9.81 15.37 16.19
N LYS A 228 9.77 15.52 14.87
CA LYS A 228 9.71 16.84 14.27
C LYS A 228 8.27 17.34 14.06
N GLY A 229 7.28 16.60 14.53
CA GLY A 229 5.92 17.08 14.54
C GLY A 229 4.99 16.46 13.52
N PHE A 230 5.43 15.44 12.79
CA PHE A 230 4.57 14.86 11.78
C PHE A 230 3.75 13.69 12.36
N SER A 231 2.54 13.57 11.84
CA SER A 231 1.61 12.50 12.20
C SER A 231 1.65 11.45 11.11
N LEU A 232 2.05 10.23 11.45
CA LEU A 232 2.25 9.14 10.48
C LEU A 232 0.90 8.47 10.23
N GLN A 233 0.20 8.97 9.22
CA GLN A 233 -1.17 8.61 8.90
C GLN A 233 -1.25 7.73 7.66
N THR A 234 -2.37 7.03 7.51
CA THR A 234 -2.69 6.41 6.24
C THR A 234 -3.00 7.47 5.19
N VAL A 235 -2.92 7.05 3.92
CA VAL A 235 -3.23 7.99 2.84
C VAL A 235 -4.65 8.54 2.93
N PRO A 236 -5.71 7.73 3.09
CA PRO A 236 -7.04 8.34 3.17
C PRO A 236 -7.18 9.35 4.29
N GLU A 237 -6.64 9.05 5.49
CA GLU A 237 -6.72 10.05 6.56
C GLU A 237 -5.97 11.31 6.18
N CYS A 238 -4.78 11.17 5.60
CA CYS A 238 -3.98 12.36 5.31
C CYS A 238 -4.56 13.18 4.17
N LEU A 239 -5.45 12.59 3.37
CA LEU A 239 -6.16 13.32 2.32
C LEU A 239 -7.43 13.97 2.82
N GLY A 240 -7.72 13.89 4.11
CA GLY A 240 -8.97 14.45 4.59
C GLY A 240 -10.18 13.62 4.22
N LEU A 241 -9.95 12.42 3.72
CA LEU A 241 -11.01 11.44 3.58
C LEU A 241 -11.22 10.86 4.98
N SER A 242 -11.95 9.76 5.07
CA SER A 242 -12.28 9.23 6.39
C SER A 242 -11.04 8.68 7.11
N SER A 243 -10.98 8.90 8.42
CA SER A 243 -9.99 8.22 9.26
C SER A 243 -10.51 6.88 9.80
N ASP A 244 -11.74 6.50 9.48
CA ASP A 244 -12.30 5.24 9.92
C ASP A 244 -11.91 4.15 8.92
N PRO A 245 -11.12 3.15 9.32
CA PRO A 245 -10.69 2.11 8.37
C PRO A 245 -11.83 1.46 7.62
N ALA A 246 -13.01 1.34 8.23
CA ALA A 246 -14.13 0.71 7.56
C ALA A 246 -14.53 1.46 6.30
N ASP A 247 -14.21 2.75 6.20
CA ASP A 247 -14.57 3.53 5.03
C ASP A 247 -13.62 3.35 3.87
N TRP A 248 -12.54 2.58 4.04
CA TRP A 248 -11.58 2.37 2.97
C TRP A 248 -11.88 1.13 2.16
N TYR A 249 -12.93 0.38 2.53
CA TYR A 249 -13.26 -0.90 1.92
C TYR A 249 -14.76 -0.99 1.75
N VAL A 250 -15.20 -1.98 0.97
CA VAL A 250 -16.60 -2.38 0.87
C VAL A 250 -16.73 -3.77 1.45
N ARG A 251 -17.57 -3.93 2.47
CA ARG A 251 -17.79 -5.26 3.02
C ARG A 251 -18.62 -6.09 2.04
N VAL A 252 -18.16 -7.30 1.76
CA VAL A 252 -18.84 -8.22 0.86
C VAL A 252 -19.51 -9.36 1.63
N GLN A 253 -18.77 -10.00 2.53
CA GLN A 253 -19.24 -11.17 3.24
C GLN A 253 -18.33 -11.40 4.44
N GLU A 254 -18.64 -12.42 5.23
CA GLU A 254 -17.78 -12.75 6.33
C GLU A 254 -16.46 -13.31 5.80
N PRO A 255 -15.33 -13.02 6.48
CA PRO A 255 -14.05 -13.60 6.06
C PRO A 255 -14.15 -15.11 5.98
N GLY A 256 -13.46 -15.69 5.01
CA GLY A 256 -13.47 -17.13 4.84
C GLY A 256 -12.45 -17.84 5.71
N THR A 257 -12.59 -19.16 5.76
CA THR A 257 -11.55 -20.01 6.32
C THR A 257 -10.70 -20.56 5.18
N ARG A 258 -9.43 -20.82 5.49
CA ARG A 258 -8.52 -21.32 4.47
C ARG A 258 -9.03 -22.64 3.92
N ASP A 259 -9.12 -22.72 2.60
CA ASP A 259 -9.43 -23.98 1.92
C ASP A 259 -8.55 -24.07 0.68
N ASP A 260 -8.86 -25.01 -0.20
CA ASP A 260 -8.01 -25.24 -1.36
C ASP A 260 -8.08 -24.13 -2.39
N SER A 261 -9.06 -23.22 -2.30
CA SER A 261 -9.09 -22.10 -3.21
C SER A 261 -8.15 -20.98 -2.80
N TRP A 262 -7.57 -21.07 -1.61
CA TRP A 262 -6.56 -20.09 -1.17
C TRP A 262 -5.22 -20.47 -1.80
N THR A 263 -5.14 -20.24 -3.11
CA THR A 263 -3.95 -20.60 -3.89
C THR A 263 -3.75 -19.56 -4.99
N CYS A 264 -2.52 -19.47 -5.48
CA CYS A 264 -2.21 -18.62 -6.62
C CYS A 264 -1.89 -19.40 -7.89
N GLU A 265 -1.92 -20.73 -7.85
CA GLU A 265 -1.64 -21.50 -9.05
C GLU A 265 -2.91 -22.11 -9.63
ZN ZN B . 5.36 -1.96 -7.48
C1 BHO C . 7.22 1.39 -9.30
C2 BHO C . 7.19 2.74 -9.02
C3 BHO C . 8.06 3.61 -9.66
C4 BHO C . 8.97 3.13 -10.57
C5 BHO C . 9.03 1.76 -10.84
C6 BHO C . 8.17 0.89 -10.19
C BHO C . 6.28 0.45 -8.55
O1 BHO C . 5.55 -0.38 -8.99
N BHO C . 6.34 0.62 -7.16
O2 BHO C . 5.58 -0.20 -6.35
#